data_6P90
#
_entry.id   6P90
#
_cell.length_a   43.181
_cell.length_b   123.338
_cell.length_c   57.418
_cell.angle_alpha   90.00
_cell.angle_beta   107.57
_cell.angle_gamma   90.00
#
_symmetry.space_group_name_H-M   'P 1 21 1'
#
loop_
_entity.id
_entity.type
_entity.pdbx_description
1 polymer '4-hydroxy-tetrahydrodipicolinate synthase'
2 non-polymer GLYCEROL
3 non-polymer 'CHLORIDE ION'
4 water water
#
_entity_poly.entity_id   1
_entity_poly.type   'polypeptide(L)'
_entity_poly.pdbx_seq_one_letter_code
;MIAGSMVALVTPFDAQGRLDWDSLAKLVDFHLQEGTNAIVAVGTTGESATLDVEEQIQVIRRVVDQVKGRIPVIAGTGAN
STREAVALTEAAKSGGADACLLVTPYYNKPTQEGMYQHFRHIAEAVAIPQILYNVPGRTSCDMLPETVERLSKVPNIIGI
KEATGDLQRAKEVIERVGKDFLVYSGDDATAVELMLLGGKGNISVTANVAPRAMSDLCAAAMRGDAAAARAINDRLMPLH
KALFIESNPIPVKWALHEMGLIPEGIRLPLTWLSPRCHEPLRQAMRQTGVLA
;
_entity_poly.pdbx_strand_id   A,B
#
loop_
_chem_comp.id
_chem_comp.type
_chem_comp.name
_chem_comp.formula
CL non-polymer 'CHLORIDE ION' 'Cl -1'
GOL non-polymer GLYCEROL 'C3 H8 O3'
#
# COMPACT_ATOMS: atom_id res chain seq x y z
N MET A 1 2.76 31.31 -1.62
CA MET A 1 2.43 30.40 -2.76
C MET A 1 3.24 29.09 -2.63
N ILE A 2 2.60 27.98 -2.99
CA ILE A 2 3.24 26.68 -2.89
C ILE A 2 3.70 26.30 -4.30
N ALA A 3 5.00 26.49 -4.55
CA ALA A 3 5.56 26.31 -5.88
C ALA A 3 7.10 26.23 -5.78
N GLY A 4 7.79 25.85 -6.85
CA GLY A 4 9.25 25.80 -6.84
C GLY A 4 9.76 24.47 -6.27
N SER A 5 10.93 24.52 -5.66
CA SER A 5 11.61 23.33 -5.17
C SER A 5 11.08 23.05 -3.78
N MET A 6 10.47 21.87 -3.61
CA MET A 6 9.81 21.53 -2.37
C MET A 6 10.40 20.21 -1.90
N VAL A 7 11.19 20.25 -0.83
CA VAL A 7 11.96 19.05 -0.51
C VAL A 7 11.02 18.05 0.13
N ALA A 8 11.07 16.81 -0.36
CA ALA A 8 10.46 15.67 0.29
C ALA A 8 11.40 15.27 1.42
N LEU A 9 11.23 15.88 2.60
CA LEU A 9 12.25 15.82 3.64
C LEU A 9 12.29 14.44 4.29
N VAL A 10 13.49 13.93 4.56
CA VAL A 10 13.62 12.66 5.27
C VAL A 10 13.23 12.93 6.73
N THR A 11 12.97 11.87 7.49
CA THR A 11 12.80 11.92 8.94
C THR A 11 14.00 11.21 9.59
N PRO A 12 14.91 11.94 10.26
CA PRO A 12 16.12 11.33 10.80
C PRO A 12 15.86 10.53 12.06
N PHE A 13 16.59 9.42 12.19
CA PHE A 13 16.44 8.58 13.36
C PHE A 13 17.84 8.20 13.82
N ASP A 14 17.99 7.99 15.13
CA ASP A 14 19.22 7.43 15.66
C ASP A 14 19.33 5.96 15.26
N ALA A 15 20.38 5.28 15.73
CA ALA A 15 20.65 3.89 15.38
C ALA A 15 19.63 2.94 15.97
N GLN A 16 18.96 3.39 17.04
CA GLN A 16 17.90 2.61 17.68
C GLN A 16 16.57 2.87 16.98
N GLY A 17 16.56 3.78 16.01
CA GLY A 17 15.34 4.08 15.27
C GLY A 17 14.45 5.11 15.95
N ARG A 18 14.96 5.82 16.98
CA ARG A 18 14.21 6.88 17.62
C ARG A 18 14.34 8.20 16.86
N LEU A 19 13.31 9.05 16.94
CA LEU A 19 13.36 10.35 16.27
C LEU A 19 14.54 11.17 16.82
N ASP A 20 15.34 11.76 15.89
CA ASP A 20 16.48 12.61 16.22
C ASP A 20 16.14 14.06 15.90
N TRP A 21 15.79 14.82 16.94
CA TRP A 21 15.23 16.16 16.77
C TRP A 21 16.31 17.17 16.38
N ASP A 22 17.52 16.96 16.90
CA ASP A 22 18.64 17.85 16.61
C ASP A 22 18.99 17.77 15.14
N SER A 23 19.01 16.54 14.63
CA SER A 23 19.29 16.31 13.23
C SER A 23 18.22 16.97 12.37
N LEU A 24 16.95 16.81 12.78
CA LEU A 24 15.85 17.40 12.04
C LEU A 24 15.99 18.93 11.97
N ALA A 25 16.33 19.57 13.10
CA ALA A 25 16.54 21.02 13.15
C ALA A 25 17.63 21.49 12.18
N LYS A 26 18.74 20.75 12.13
CA LYS A 26 19.80 20.98 11.16
C LYS A 26 19.29 20.90 9.72
N LEU A 27 18.44 19.92 9.40
CA LEU A 27 17.96 19.78 8.03
C LEU A 27 17.11 21.01 7.66
N VAL A 28 16.28 21.44 8.61
CA VAL A 28 15.39 22.55 8.33
C VAL A 28 16.25 23.79 8.09
N ASP A 29 17.29 23.98 8.91
CA ASP A 29 18.19 25.13 8.75
C ASP A 29 18.88 25.09 7.38
N PHE A 30 19.35 23.91 6.99
CA PHE A 30 19.97 23.72 5.69
C PHE A 30 19.04 24.25 4.61
N HIS A 31 17.74 23.90 4.69
CA HIS A 31 16.80 24.23 3.62
C HIS A 31 16.47 25.72 3.64
N LEU A 32 16.40 26.28 4.85
CA LEU A 32 16.09 27.69 5.00
C LEU A 32 17.23 28.55 4.44
N GLN A 33 18.45 28.01 4.50
CA GLN A 33 19.63 28.72 4.02
C GLN A 33 19.86 28.57 2.52
N GLU A 34 19.41 27.45 1.92
CA GLU A 34 19.88 27.08 0.59
C GLU A 34 18.83 27.35 -0.48
N GLY A 35 17.76 28.08 -0.17
CA GLY A 35 16.83 28.51 -1.21
C GLY A 35 15.65 27.57 -1.49
N THR A 36 15.52 26.49 -0.69
CA THR A 36 14.34 25.63 -0.74
C THR A 36 13.06 26.46 -0.58
N ASN A 37 12.06 26.22 -1.44
CA ASN A 37 10.83 27.00 -1.48
C ASN A 37 9.72 26.44 -0.59
N ALA A 38 9.75 25.13 -0.24
CA ALA A 38 8.78 24.55 0.67
C ALA A 38 9.33 23.23 1.22
N ILE A 39 8.87 22.83 2.42
CA ILE A 39 9.24 21.56 3.02
C ILE A 39 7.99 20.67 3.08
N VAL A 40 8.11 19.42 2.56
CA VAL A 40 7.11 18.38 2.77
C VAL A 40 7.63 17.48 3.90
N ALA A 41 6.91 17.46 5.02
CA ALA A 41 7.26 16.62 6.15
C ALA A 41 6.40 15.35 6.15
N VAL A 42 6.95 14.27 6.70
CA VAL A 42 6.31 12.95 6.83
C VAL A 42 5.58 12.47 5.58
N GLY A 43 6.15 12.70 4.39
CA GLY A 43 5.66 12.05 3.19
C GLY A 43 6.40 10.72 3.00
N THR A 44 6.45 10.24 1.75
CA THR A 44 7.08 8.96 1.39
C THR A 44 8.56 8.94 1.80
N THR A 45 9.28 10.02 1.45
CA THR A 45 10.71 10.12 1.73
C THR A 45 10.94 10.25 3.23
N GLY A 46 9.92 10.78 3.94
CA GLY A 46 9.90 10.95 5.39
C GLY A 46 9.53 9.67 6.15
N GLU A 47 9.32 8.56 5.43
CA GLU A 47 8.99 7.27 6.05
C GLU A 47 7.67 7.34 6.85
N SER A 48 6.64 8.03 6.30
CA SER A 48 5.34 8.04 6.95
C SER A 48 4.88 6.62 7.30
N ALA A 49 5.10 5.64 6.41
CA ALA A 49 4.69 4.27 6.65
C ALA A 49 5.14 3.69 7.99
N THR A 50 6.32 4.10 8.50
CA THR A 50 6.84 3.45 9.70
C THR A 50 6.72 4.37 10.91
N LEU A 51 6.10 5.54 10.73
CA LEU A 51 5.91 6.44 11.85
C LEU A 51 4.47 6.26 12.33
N ASP A 52 4.26 6.18 13.65
CA ASP A 52 2.89 6.10 14.10
C ASP A 52 2.26 7.49 14.03
N VAL A 53 0.96 7.53 14.26
CA VAL A 53 0.18 8.75 14.10
C VAL A 53 0.68 9.86 15.03
N GLU A 54 1.07 9.50 16.27
CA GLU A 54 1.60 10.46 17.24
C GLU A 54 2.95 10.99 16.79
N GLU A 55 3.85 10.09 16.36
CA GLU A 55 5.14 10.51 15.82
C GLU A 55 4.95 11.45 14.62
N GLN A 56 3.97 11.14 13.77
CA GLN A 56 3.78 11.96 12.57
C GLN A 56 3.45 13.41 12.92
N ILE A 57 2.50 13.62 13.83
CA ILE A 57 2.11 14.99 14.19
C ILE A 57 3.27 15.67 14.92
N GLN A 58 4.04 14.87 15.65
CA GLN A 58 5.21 15.43 16.29
C GLN A 58 6.24 16.01 15.32
N VAL A 59 6.54 15.24 14.29
CA VAL A 59 7.45 15.72 13.26
C VAL A 59 6.85 16.99 12.65
N ILE A 60 5.59 16.94 12.25
CA ILE A 60 5.01 18.11 11.58
C ILE A 60 5.10 19.35 12.48
N ARG A 61 4.75 19.21 13.76
CA ARG A 61 4.76 20.35 14.68
C ARG A 61 6.16 20.91 14.84
N ARG A 62 7.15 20.04 15.07
CA ARG A 62 8.53 20.48 15.20
C ARG A 62 9.00 21.24 13.95
N VAL A 63 8.67 20.77 12.75
CA VAL A 63 9.08 21.46 11.53
C VAL A 63 8.33 22.78 11.44
N VAL A 64 7.02 22.76 11.67
CA VAL A 64 6.19 23.96 11.57
C VAL A 64 6.74 25.04 12.50
N ASP A 65 7.09 24.66 13.74
CA ASP A 65 7.47 25.57 14.81
C ASP A 65 8.83 26.21 14.52
N GLN A 66 9.78 25.43 13.95
CA GLN A 66 11.06 25.97 13.56
C GLN A 66 10.95 26.86 12.31
N VAL A 67 10.10 26.50 11.36
CA VAL A 67 10.03 27.30 10.14
C VAL A 67 9.39 28.67 10.41
N LYS A 68 8.44 28.72 11.36
CA LYS A 68 7.78 29.96 11.79
C LYS A 68 7.30 30.77 10.58
N GLY A 69 6.70 30.10 9.60
CA GLY A 69 6.02 30.81 8.54
C GLY A 69 6.94 31.28 7.42
N ARG A 70 8.24 30.95 7.51
CA ARG A 70 9.17 31.49 6.53
C ARG A 70 8.96 30.89 5.13
N ILE A 71 8.67 29.59 5.06
CA ILE A 71 8.29 28.96 3.80
C ILE A 71 7.11 28.04 4.11
N PRO A 72 6.26 27.63 3.13
CA PRO A 72 5.17 26.69 3.41
C PRO A 72 5.72 25.35 3.91
N VAL A 73 4.99 24.77 4.87
CA VAL A 73 5.21 23.41 5.35
C VAL A 73 3.98 22.58 4.96
N ILE A 74 4.21 21.52 4.18
CA ILE A 74 3.20 20.63 3.65
C ILE A 74 3.34 19.31 4.40
N ALA A 75 2.21 18.79 4.93
CA ALA A 75 2.24 17.57 5.72
C ALA A 75 1.74 16.43 4.84
N GLY A 76 2.43 15.29 4.90
CA GLY A 76 1.93 14.05 4.32
C GLY A 76 0.87 13.43 5.23
N THR A 77 -0.37 13.33 4.73
CA THR A 77 -1.49 12.95 5.57
C THR A 77 -2.36 11.92 4.83
N GLY A 78 -1.81 11.32 3.77
CA GLY A 78 -2.55 10.38 2.95
C GLY A 78 -2.73 9.06 3.71
N ALA A 79 -3.81 8.35 3.41
CA ALA A 79 -4.03 7.00 3.95
C ALA A 79 -4.94 6.26 2.98
N ASN A 80 -5.01 4.92 3.11
CA ASN A 80 -5.88 4.15 2.25
C ASN A 80 -7.27 3.96 2.87
N SER A 81 -7.51 4.54 4.06
CA SER A 81 -8.84 4.63 4.63
CA SER A 81 -8.84 4.63 4.63
C SER A 81 -9.28 6.10 4.64
N THR A 82 -10.50 6.41 4.15
CA THR A 82 -10.92 7.81 4.10
C THR A 82 -11.00 8.37 5.53
N ARG A 83 -11.46 7.54 6.48
CA ARG A 83 -11.57 7.98 7.87
C ARG A 83 -10.20 8.33 8.44
N GLU A 84 -9.20 7.48 8.15
CA GLU A 84 -7.86 7.71 8.68
C GLU A 84 -7.26 8.97 8.05
N ALA A 85 -7.45 9.15 6.74
CA ALA A 85 -6.93 10.31 6.02
C ALA A 85 -7.48 11.60 6.62
N VAL A 86 -8.75 11.57 7.05
CA VAL A 86 -9.41 12.72 7.68
C VAL A 86 -8.72 13.00 9.02
N ALA A 87 -8.46 11.95 9.80
CA ALA A 87 -7.85 12.12 11.11
C ALA A 87 -6.46 12.77 10.98
N LEU A 88 -5.62 12.28 10.03
CA LEU A 88 -4.27 12.79 9.82
C LEU A 88 -4.35 14.23 9.30
N THR A 89 -5.28 14.50 8.38
CA THR A 89 -5.34 15.83 7.79
C THR A 89 -5.80 16.84 8.84
N GLU A 90 -6.70 16.39 9.71
CA GLU A 90 -7.24 17.22 10.77
C GLU A 90 -6.13 17.55 11.77
N ALA A 91 -5.35 16.53 12.15
CA ALA A 91 -4.23 16.71 13.06
C ALA A 91 -3.21 17.71 12.47
N ALA A 92 -2.94 17.61 11.16
CA ALA A 92 -1.95 18.47 10.51
C ALA A 92 -2.40 19.92 10.55
N LYS A 93 -3.69 20.16 10.21
CA LYS A 93 -4.22 21.51 10.19
C LYS A 93 -4.04 22.13 11.57
N SER A 94 -4.40 21.35 12.58
CA SER A 94 -4.35 21.80 13.96
C SER A 94 -2.91 22.01 14.41
N GLY A 95 -1.97 21.25 13.80
CA GLY A 95 -0.55 21.38 14.07
C GLY A 95 0.12 22.53 13.32
N GLY A 96 -0.62 23.21 12.43
CA GLY A 96 -0.12 24.43 11.78
C GLY A 96 0.48 24.24 10.39
N ALA A 97 0.27 23.10 9.74
CA ALA A 97 0.76 22.91 8.37
C ALA A 97 0.04 23.88 7.45
N ASP A 98 0.67 24.27 6.33
CA ASP A 98 0.04 25.19 5.38
C ASP A 98 -0.76 24.44 4.34
N ALA A 99 -0.48 23.14 4.17
CA ALA A 99 -1.17 22.32 3.19
C ALA A 99 -0.91 20.87 3.55
N CYS A 100 -1.70 19.97 2.97
CA CYS A 100 -1.53 18.53 3.14
C CYS A 100 -1.32 17.88 1.78
N LEU A 101 -0.46 16.85 1.78
CA LEU A 101 -0.21 16.09 0.57
C LEU A 101 -0.76 14.68 0.81
N LEU A 102 -1.67 14.24 -0.08
CA LEU A 102 -2.43 13.02 0.21
C LEU A 102 -2.30 12.05 -0.96
N VAL A 103 -1.63 10.93 -0.68
CA VAL A 103 -1.45 9.89 -1.68
C VAL A 103 -2.80 9.24 -2.00
N THR A 104 -3.01 8.83 -3.27
CA THR A 104 -4.15 7.98 -3.61
C THR A 104 -4.05 6.69 -2.78
N PRO A 105 -5.18 6.17 -2.27
CA PRO A 105 -5.17 4.92 -1.48
C PRO A 105 -4.33 3.82 -2.12
N TYR A 106 -3.41 3.30 -1.32
CA TYR A 106 -2.54 2.23 -1.74
C TYR A 106 -3.22 0.89 -1.40
N TYR A 107 -2.91 -0.17 -2.17
CA TYR A 107 -3.18 -1.53 -1.77
C TYR A 107 -4.62 -1.97 -2.04
N ASN A 108 -5.62 -1.13 -1.73
CA ASN A 108 -7.03 -1.51 -1.84
C ASN A 108 -7.64 -1.21 -3.21
N LYS A 109 -6.93 -0.51 -4.08
CA LYS A 109 -7.30 -0.35 -5.49
C LYS A 109 -8.71 0.21 -5.68
N PRO A 110 -9.07 1.38 -5.14
CA PRO A 110 -10.41 1.94 -5.35
C PRO A 110 -10.64 2.24 -6.84
N THR A 111 -11.92 2.30 -7.22
CA THR A 111 -12.30 2.72 -8.55
C THR A 111 -11.98 4.21 -8.70
N GLN A 112 -12.04 4.74 -9.93
CA GLN A 112 -11.88 6.16 -10.14
C GLN A 112 -12.93 6.91 -9.32
N GLU A 113 -14.17 6.38 -9.27
CA GLU A 113 -15.24 7.04 -8.56
C GLU A 113 -14.96 7.00 -7.07
N GLY A 114 -14.40 5.88 -6.57
CA GLY A 114 -13.98 5.75 -5.19
C GLY A 114 -12.93 6.79 -4.79
N MET A 115 -11.97 7.03 -5.70
CA MET A 115 -10.95 8.05 -5.49
C MET A 115 -11.61 9.44 -5.44
N TYR A 116 -12.50 9.73 -6.39
CA TYR A 116 -13.21 10.99 -6.34
C TYR A 116 -13.93 11.15 -4.99
N GLN A 117 -14.60 10.10 -4.50
CA GLN A 117 -15.40 10.25 -3.29
C GLN A 117 -14.51 10.45 -2.06
N HIS A 118 -13.40 9.70 -2.01
CA HIS A 118 -12.39 9.77 -0.96
C HIS A 118 -11.89 11.21 -0.82
N PHE A 119 -11.35 11.74 -1.92
CA PHE A 119 -10.72 13.06 -1.90
C PHE A 119 -11.76 14.17 -1.73
N ARG A 120 -12.93 14.01 -2.35
CA ARG A 120 -13.97 15.02 -2.15
C ARG A 120 -14.40 15.03 -0.69
N HIS A 121 -14.44 13.86 -0.06
CA HIS A 121 -14.82 13.81 1.35
C HIS A 121 -13.81 14.54 2.23
N ILE A 122 -12.52 14.33 1.96
CA ILE A 122 -11.48 14.90 2.82
C ILE A 122 -11.45 16.42 2.60
N ALA A 123 -11.64 16.84 1.34
CA ALA A 123 -11.65 18.24 0.97
C ALA A 123 -12.76 18.98 1.73
N GLU A 124 -13.92 18.33 1.91
CA GLU A 124 -15.06 18.97 2.56
C GLU A 124 -14.94 18.84 4.08
N ALA A 125 -14.25 17.80 4.57
CA ALA A 125 -14.17 17.58 6.01
C ALA A 125 -13.14 18.46 6.73
N VAL A 126 -12.07 18.91 6.05
CA VAL A 126 -10.98 19.66 6.69
C VAL A 126 -10.62 20.87 5.82
N ALA A 127 -10.70 22.07 6.40
CA ALA A 127 -10.47 23.31 5.67
C ALA A 127 -8.98 23.68 5.72
N ILE A 128 -8.21 22.98 4.89
CA ILE A 128 -6.79 23.16 4.69
C ILE A 128 -6.50 22.83 3.23
N PRO A 129 -5.61 23.55 2.52
CA PRO A 129 -5.33 23.23 1.12
C PRO A 129 -4.75 21.82 1.01
N GLN A 130 -5.17 21.10 -0.04
CA GLN A 130 -4.85 19.69 -0.19
C GLN A 130 -4.28 19.45 -1.58
N ILE A 131 -3.18 18.68 -1.62
CA ILE A 131 -2.48 18.30 -2.84
C ILE A 131 -2.61 16.80 -3.08
N LEU A 132 -3.03 16.43 -4.29
CA LEU A 132 -3.21 15.03 -4.63
C LEU A 132 -1.84 14.44 -4.94
N TYR A 133 -1.74 13.13 -4.93
CA TYR A 133 -0.42 12.56 -5.16
C TYR A 133 -0.62 11.24 -5.90
N ASN A 134 -0.32 11.23 -7.19
CA ASN A 134 -0.46 10.03 -7.99
C ASN A 134 0.90 9.35 -8.11
N VAL A 135 1.02 8.13 -7.56
CA VAL A 135 2.26 7.40 -7.65
C VAL A 135 1.97 5.91 -7.88
N PRO A 136 1.52 5.55 -9.10
CA PRO A 136 1.08 4.19 -9.37
C PRO A 136 2.14 3.12 -9.09
N GLY A 137 3.43 3.50 -9.18
CA GLY A 137 4.50 2.56 -8.97
C GLY A 137 4.62 2.14 -7.49
N ARG A 138 3.88 2.85 -6.61
CA ARG A 138 3.88 2.48 -5.19
C ARG A 138 2.48 2.10 -4.70
N THR A 139 1.43 2.73 -5.25
CA THR A 139 0.08 2.53 -4.73
C THR A 139 -0.64 1.38 -5.39
N SER A 140 -0.19 0.95 -6.59
CA SER A 140 -0.85 -0.05 -7.43
C SER A 140 -2.18 0.47 -7.98
N CYS A 141 -2.35 1.78 -8.09
CA CYS A 141 -3.53 2.30 -8.78
C CYS A 141 -3.18 3.64 -9.40
N ASP A 142 -3.88 4.00 -10.47
CA ASP A 142 -3.50 5.18 -11.23
C ASP A 142 -4.75 6.06 -11.28
N MET A 143 -4.61 7.29 -10.81
CA MET A 143 -5.67 8.27 -10.93
C MET A 143 -5.54 8.90 -12.30
N LEU A 144 -6.50 8.62 -13.19
CA LEU A 144 -6.40 9.06 -14.57
C LEU A 144 -6.72 10.55 -14.68
N PRO A 145 -6.34 11.21 -15.78
CA PRO A 145 -6.48 12.66 -15.92
C PRO A 145 -7.90 13.15 -15.69
N GLU A 146 -8.87 12.35 -16.15
CA GLU A 146 -10.28 12.65 -16.07
C GLU A 146 -10.68 12.83 -14.60
N THR A 147 -10.15 11.95 -13.72
CA THR A 147 -10.42 12.03 -12.28
C THR A 147 -9.70 13.24 -11.67
N VAL A 148 -8.47 13.51 -12.13
CA VAL A 148 -7.72 14.65 -11.66
C VAL A 148 -8.50 15.92 -12.00
N GLU A 149 -8.99 16.00 -13.23
CA GLU A 149 -9.79 17.13 -13.68
C GLU A 149 -11.01 17.30 -12.79
N ARG A 150 -11.69 16.18 -12.46
CA ARG A 150 -12.89 16.29 -11.65
C ARG A 150 -12.52 16.82 -10.26
N LEU A 151 -11.39 16.34 -9.72
CA LEU A 151 -11.01 16.73 -8.37
C LEU A 151 -10.45 18.15 -8.37
N SER A 152 -9.93 18.58 -9.52
CA SER A 152 -9.39 19.94 -9.60
C SER A 152 -10.51 20.97 -9.45
N LYS A 153 -11.78 20.50 -9.44
CA LYS A 153 -12.91 21.43 -9.42
C LYS A 153 -13.49 21.48 -8.01
N VAL A 154 -12.88 20.73 -7.10
CA VAL A 154 -13.36 20.63 -5.72
C VAL A 154 -12.66 21.69 -4.86
N PRO A 155 -13.41 22.51 -4.07
CA PRO A 155 -12.77 23.50 -3.20
C PRO A 155 -11.78 22.80 -2.26
N ASN A 156 -10.66 23.49 -1.98
CA ASN A 156 -9.57 23.04 -1.11
C ASN A 156 -8.58 22.09 -1.78
N ILE A 157 -8.87 21.60 -2.98
CA ILE A 157 -7.84 20.81 -3.66
C ILE A 157 -7.17 21.74 -4.66
N ILE A 158 -5.88 22.00 -4.41
CA ILE A 158 -5.14 23.10 -5.03
C ILE A 158 -4.11 22.56 -6.03
N GLY A 159 -3.79 21.25 -5.98
CA GLY A 159 -2.81 20.73 -6.91
C GLY A 159 -2.62 19.22 -6.85
N ILE A 160 -1.61 18.75 -7.58
CA ILE A 160 -1.28 17.33 -7.68
C ILE A 160 0.23 17.18 -7.86
N LYS A 161 0.78 16.20 -7.12
CA LYS A 161 2.12 15.70 -7.35
C LYS A 161 1.98 14.55 -8.34
N GLU A 162 2.43 14.77 -9.57
CA GLU A 162 2.34 13.73 -10.58
C GLU A 162 3.67 12.97 -10.60
N ALA A 163 3.70 11.75 -10.03
CA ALA A 163 4.97 11.06 -9.82
C ALA A 163 5.27 10.00 -10.88
N THR A 164 4.53 9.95 -12.00
CA THR A 164 4.75 8.86 -12.96
C THR A 164 6.01 9.03 -13.78
N GLY A 165 6.43 10.28 -14.01
CA GLY A 165 7.58 10.55 -14.85
C GLY A 165 7.20 10.44 -16.32
N ASP A 166 5.89 10.36 -16.55
CA ASP A 166 5.34 10.27 -17.90
C ASP A 166 4.97 11.67 -18.35
N LEU A 167 5.67 12.17 -19.37
CA LEU A 167 5.50 13.56 -19.75
C LEU A 167 4.24 13.77 -20.59
N GLN A 168 3.77 12.72 -21.26
CA GLN A 168 2.46 12.79 -21.94
C GLN A 168 1.32 12.95 -20.93
N ARG A 169 1.40 12.23 -19.81
CA ARG A 169 0.46 12.33 -18.70
C ARG A 169 0.48 13.75 -18.14
N ALA A 170 1.68 14.24 -17.79
CA ALA A 170 1.84 15.60 -17.28
C ALA A 170 1.17 16.62 -18.21
N LYS A 171 1.40 16.50 -19.52
CA LYS A 171 0.92 17.48 -20.47
C LYS A 171 -0.60 17.45 -20.49
N GLU A 172 -1.15 16.24 -20.39
CA GLU A 172 -2.59 16.04 -20.46
C GLU A 172 -3.22 16.60 -19.19
N VAL A 173 -2.60 16.35 -18.04
CA VAL A 173 -3.15 16.86 -16.80
C VAL A 173 -3.15 18.39 -16.82
N ILE A 174 -2.01 18.97 -17.27
CA ILE A 174 -1.86 20.41 -17.33
C ILE A 174 -2.93 21.03 -18.22
N GLU A 175 -3.15 20.44 -19.40
CA GLU A 175 -4.15 20.94 -20.34
C GLU A 175 -5.56 20.91 -19.75
N ARG A 176 -5.86 19.92 -18.90
CA ARG A 176 -7.23 19.69 -18.46
C ARG A 176 -7.57 20.52 -17.23
N VAL A 177 -6.60 20.79 -16.35
CA VAL A 177 -6.97 21.45 -15.11
C VAL A 177 -6.94 22.97 -15.34
N GLY A 178 -7.42 23.72 -14.33
CA GLY A 178 -7.26 25.17 -14.36
C GLY A 178 -5.81 25.61 -14.16
N LYS A 179 -5.51 26.81 -14.65
CA LYS A 179 -4.25 27.49 -14.45
C LYS A 179 -3.96 27.69 -12.97
N ASP A 180 -5.01 27.73 -12.12
CA ASP A 180 -4.84 27.89 -10.69
C ASP A 180 -4.58 26.55 -10.01
N PHE A 181 -4.65 25.48 -10.78
CA PHE A 181 -4.48 24.18 -10.14
C PHE A 181 -3.08 23.69 -10.47
N LEU A 182 -2.25 23.55 -9.44
CA LEU A 182 -0.82 23.45 -9.70
C LEU A 182 -0.39 21.99 -9.84
N VAL A 183 0.35 21.72 -10.90
CA VAL A 183 0.92 20.41 -11.14
C VAL A 183 2.39 20.47 -10.76
N TYR A 184 2.79 19.59 -9.83
CA TYR A 184 4.17 19.45 -9.39
C TYR A 184 4.70 18.09 -9.83
N SER A 185 6.01 18.03 -10.12
CA SER A 185 6.66 16.77 -10.42
C SER A 185 6.89 15.99 -9.13
N GLY A 186 6.79 14.66 -9.23
CA GLY A 186 7.29 13.74 -8.22
C GLY A 186 8.39 12.84 -8.75
N ASP A 187 8.97 13.20 -9.91
CA ASP A 187 10.03 12.44 -10.56
C ASP A 187 11.21 13.37 -10.89
N ASP A 188 12.29 13.22 -10.12
CA ASP A 188 13.42 14.17 -10.18
C ASP A 188 14.01 14.28 -11.59
N ALA A 189 14.24 13.14 -12.27
CA ALA A 189 14.86 13.11 -13.58
C ALA A 189 14.08 13.90 -14.63
N THR A 190 12.74 13.97 -14.54
CA THR A 190 11.94 14.58 -15.59
C THR A 190 11.28 15.89 -15.15
N ALA A 191 11.56 16.32 -13.91
CA ALA A 191 10.87 17.44 -13.31
C ALA A 191 11.03 18.69 -14.16
N VAL A 192 12.22 18.87 -14.72
CA VAL A 192 12.51 20.04 -15.53
C VAL A 192 11.57 20.13 -16.74
N GLU A 193 11.33 18.98 -17.39
CA GLU A 193 10.46 18.95 -18.55
C GLU A 193 9.01 19.23 -18.15
N LEU A 194 8.59 18.66 -17.00
CA LEU A 194 7.25 18.90 -16.47
C LEU A 194 7.06 20.40 -16.19
N MET A 195 8.07 21.06 -15.62
CA MET A 195 7.95 22.48 -15.33
C MET A 195 7.96 23.33 -16.60
N LEU A 196 8.65 22.87 -17.63
CA LEU A 196 8.67 23.61 -18.87
C LEU A 196 7.34 23.53 -19.60
N LEU A 197 6.56 22.46 -19.32
CA LEU A 197 5.24 22.24 -19.89
C LEU A 197 4.17 23.09 -19.23
N GLY A 198 4.45 23.64 -18.05
CA GLY A 198 3.50 24.49 -17.35
C GLY A 198 3.42 24.09 -15.88
N GLY A 199 4.17 23.05 -15.49
CA GLY A 199 4.20 22.62 -14.10
C GLY A 199 4.80 23.70 -13.18
N LYS A 200 4.45 23.70 -11.90
CA LYS A 200 4.83 24.81 -11.03
C LYS A 200 5.68 24.34 -9.85
N GLY A 201 6.29 23.15 -9.92
CA GLY A 201 7.25 22.83 -8.89
C GLY A 201 7.70 21.39 -8.95
N ASN A 202 8.56 21.02 -7.99
CA ASN A 202 9.10 19.67 -7.90
C ASN A 202 9.19 19.27 -6.44
N ILE A 203 8.47 18.21 -6.05
CA ILE A 203 8.56 17.73 -4.69
C ILE A 203 9.65 16.65 -4.70
N SER A 204 10.86 17.06 -4.28
CA SER A 204 12.10 16.47 -4.76
C SER A 204 12.82 15.65 -3.68
N VAL A 205 13.31 14.45 -4.04
CA VAL A 205 14.27 13.74 -3.22
C VAL A 205 15.63 14.42 -3.31
N THR A 206 16.04 14.79 -4.54
CA THR A 206 17.40 15.28 -4.75
C THR A 206 17.63 16.57 -3.97
N ALA A 207 16.57 17.37 -3.80
CA ALA A 207 16.68 18.62 -3.07
C ALA A 207 17.12 18.40 -1.63
N ASN A 208 16.98 17.18 -1.10
CA ASN A 208 17.51 16.88 0.22
C ASN A 208 19.02 17.12 0.32
N VAL A 209 19.76 16.85 -0.76
CA VAL A 209 21.22 16.85 -0.70
C VAL A 209 21.78 18.00 -1.55
N ALA A 210 21.01 18.51 -2.52
CA ALA A 210 21.45 19.60 -3.38
C ALA A 210 20.35 20.67 -3.45
N PRO A 211 19.97 21.28 -2.31
CA PRO A 211 18.85 22.21 -2.28
C PRO A 211 19.01 23.46 -3.16
N ARG A 212 20.19 24.07 -3.17
CA ARG A 212 20.42 25.28 -3.96
C ARG A 212 20.29 24.98 -5.46
N ALA A 213 20.97 23.94 -5.94
CA ALA A 213 20.89 23.57 -7.36
C ALA A 213 19.44 23.27 -7.74
N MET A 214 18.71 22.57 -6.87
CA MET A 214 17.33 22.20 -7.21
C MET A 214 16.43 23.43 -7.23
N SER A 215 16.65 24.35 -6.27
CA SER A 215 16.03 25.65 -6.23
C SER A 215 16.27 26.41 -7.54
N ASP A 216 17.52 26.38 -8.00
CA ASP A 216 17.93 27.09 -9.19
C ASP A 216 17.30 26.46 -10.43
N LEU A 217 17.29 25.12 -10.44
CA LEU A 217 16.65 24.36 -11.50
C LEU A 217 15.19 24.77 -11.64
N CYS A 218 14.45 24.80 -10.51
CA CYS A 218 13.03 25.08 -10.50
C CYS A 218 12.77 26.52 -10.94
N ALA A 219 13.54 27.48 -10.42
CA ALA A 219 13.44 28.87 -10.85
C ALA A 219 13.58 29.01 -12.37
N ALA A 220 14.64 28.42 -12.94
CA ALA A 220 14.88 28.54 -14.37
C ALA A 220 13.76 27.90 -15.18
N ALA A 221 13.38 26.68 -14.78
CA ALA A 221 12.32 25.97 -15.49
C ALA A 221 11.03 26.77 -15.48
N MET A 222 10.68 27.34 -14.32
CA MET A 222 9.36 27.94 -14.20
C MET A 222 9.30 29.29 -14.91
N ARG A 223 10.46 29.89 -15.24
CA ARG A 223 10.50 31.16 -16.01
C ARG A 223 10.75 30.88 -17.49
N GLY A 224 10.85 29.62 -17.88
CA GLY A 224 10.94 29.26 -19.28
C GLY A 224 12.36 29.28 -19.86
N ASP A 225 13.38 29.30 -18.98
CA ASP A 225 14.77 29.29 -19.41
C ASP A 225 15.26 27.85 -19.52
N ALA A 226 14.87 27.24 -20.64
CA ALA A 226 15.02 25.80 -20.85
C ALA A 226 16.49 25.36 -20.84
N ALA A 227 17.33 26.09 -21.57
CA ALA A 227 18.76 25.78 -21.63
C ALA A 227 19.39 25.83 -20.24
N ALA A 228 19.04 26.84 -19.44
CA ALA A 228 19.66 26.91 -18.13
C ALA A 228 19.18 25.77 -17.24
N ALA A 229 17.85 25.52 -17.27
CA ALA A 229 17.29 24.47 -16.43
C ALA A 229 17.85 23.11 -16.83
N ARG A 230 17.93 22.86 -18.14
CA ARG A 230 18.44 21.59 -18.65
C ARG A 230 19.91 21.39 -18.27
N ALA A 231 20.68 22.50 -18.28
CA ALA A 231 22.09 22.44 -17.92
C ALA A 231 22.25 21.96 -16.48
N ILE A 232 21.42 22.49 -15.56
CA ILE A 232 21.52 22.09 -14.16
C ILE A 232 21.10 20.62 -14.03
N ASN A 233 19.99 20.29 -14.68
CA ASN A 233 19.48 18.93 -14.63
C ASN A 233 20.50 17.94 -15.19
N ASP A 234 21.16 18.27 -16.32
CA ASP A 234 22.14 17.36 -16.91
C ASP A 234 23.29 17.12 -15.94
N ARG A 235 23.74 18.18 -15.27
CA ARG A 235 24.81 18.06 -14.30
C ARG A 235 24.39 17.17 -13.12
N LEU A 236 23.11 17.27 -12.70
CA LEU A 236 22.62 16.55 -11.51
C LEU A 236 22.25 15.10 -11.81
N MET A 237 22.13 14.74 -13.09
CA MET A 237 21.52 13.48 -13.51
C MET A 237 22.16 12.27 -12.84
N PRO A 238 23.50 12.16 -12.67
CA PRO A 238 24.06 10.98 -12.02
C PRO A 238 23.54 10.85 -10.59
N LEU A 239 23.26 11.99 -9.96
CA LEU A 239 22.73 11.99 -8.60
C LEU A 239 21.24 11.61 -8.61
N HIS A 240 20.47 12.19 -9.53
CA HIS A 240 19.09 11.77 -9.63
C HIS A 240 19.03 10.25 -9.75
N LYS A 241 19.94 9.63 -10.52
CA LYS A 241 19.78 8.20 -10.77
C LYS A 241 20.20 7.42 -9.53
N ALA A 242 21.28 7.86 -8.88
CA ALA A 242 21.86 7.07 -7.80
C ALA A 242 20.96 7.16 -6.57
N LEU A 243 20.15 8.22 -6.46
CA LEU A 243 19.30 8.35 -5.29
C LEU A 243 18.12 7.39 -5.36
N PHE A 244 18.05 6.61 -6.46
CA PHE A 244 16.99 5.62 -6.62
C PHE A 244 17.55 4.23 -6.86
N ILE A 245 18.83 4.04 -6.51
CA ILE A 245 19.50 2.78 -6.80
C ILE A 245 18.89 1.65 -5.95
N GLU A 246 18.37 1.98 -4.76
CA GLU A 246 17.46 1.12 -3.99
C GLU A 246 16.26 2.02 -3.72
N SER A 247 15.15 1.45 -3.24
CA SER A 247 13.93 2.24 -3.04
C SER A 247 14.20 3.44 -2.13
N ASN A 248 13.80 4.63 -2.61
CA ASN A 248 13.72 5.84 -1.82
C ASN A 248 12.88 5.60 -0.57
N PRO A 249 13.26 6.05 0.65
CA PRO A 249 14.45 6.86 0.88
C PRO A 249 15.72 6.15 1.34
N ILE A 250 15.90 4.88 1.01
CA ILE A 250 17.14 4.22 1.40
C ILE A 250 18.39 4.98 0.91
N PRO A 251 18.60 5.28 -0.39
CA PRO A 251 19.76 6.06 -0.82
C PRO A 251 19.90 7.46 -0.22
N VAL A 252 18.82 8.26 -0.22
CA VAL A 252 19.01 9.64 0.22
C VAL A 252 19.36 9.67 1.70
N LYS A 253 18.87 8.71 2.47
CA LYS A 253 19.28 8.70 3.88
C LYS A 253 20.76 8.35 4.00
N TRP A 254 21.26 7.42 3.17
CA TRP A 254 22.68 7.08 3.22
C TRP A 254 23.52 8.31 2.85
N ALA A 255 23.09 9.04 1.81
CA ALA A 255 23.69 10.28 1.34
C ALA A 255 23.80 11.33 2.46
N LEU A 256 22.68 11.60 3.13
CA LEU A 256 22.65 12.61 4.18
C LEU A 256 23.54 12.19 5.35
N HIS A 257 23.59 10.91 5.66
CA HIS A 257 24.52 10.44 6.69
C HIS A 257 25.97 10.70 6.28
N GLU A 258 26.30 10.42 5.00
CA GLU A 258 27.63 10.56 4.46
C GLU A 258 28.04 12.03 4.50
N MET A 259 27.06 12.93 4.31
CA MET A 259 27.29 14.36 4.38
C MET A 259 27.32 14.88 5.82
N GLY A 260 27.10 14.01 6.83
CA GLY A 260 27.19 14.40 8.23
C GLY A 260 25.90 15.03 8.80
N LEU A 261 24.78 14.95 8.07
CA LEU A 261 23.58 15.70 8.41
C LEU A 261 22.62 14.89 9.28
N ILE A 262 22.61 13.54 9.14
CA ILE A 262 21.67 12.71 9.90
C ILE A 262 22.41 11.48 10.42
N PRO A 263 21.89 10.81 11.47
CA PRO A 263 22.43 9.52 11.94
C PRO A 263 21.95 8.37 11.05
N GLU A 264 22.33 7.14 11.40
CA GLU A 264 22.26 6.01 10.48
C GLU A 264 20.99 5.17 10.67
N GLY A 265 19.95 5.73 11.26
CA GLY A 265 18.70 5.03 11.53
C GLY A 265 17.75 4.97 10.32
N ILE A 266 17.17 3.78 10.09
CA ILE A 266 16.09 3.60 9.13
C ILE A 266 15.20 2.49 9.69
N ARG A 267 13.87 2.60 9.55
CA ARG A 267 12.98 1.66 10.20
C ARG A 267 12.53 0.51 9.28
N LEU A 268 12.61 -0.71 9.84
CA LEU A 268 12.12 -1.87 9.13
C LEU A 268 10.66 -1.68 8.70
N PRO A 269 10.26 -2.09 7.48
CA PRO A 269 11.06 -2.99 6.65
C PRO A 269 12.12 -2.39 5.73
N LEU A 270 12.34 -1.06 5.79
CA LEU A 270 13.46 -0.47 5.08
C LEU A 270 14.76 -0.90 5.75
N THR A 271 15.84 -0.92 4.95
CA THR A 271 17.15 -1.36 5.42
C THR A 271 18.18 -0.31 5.00
N TRP A 272 19.29 -0.25 5.74
CA TRP A 272 20.41 0.61 5.37
C TRP A 272 20.95 0.24 3.97
N LEU A 273 21.25 1.25 3.15
CA LEU A 273 21.70 1.01 1.78
C LEU A 273 22.77 -0.09 1.69
N SER A 274 22.57 -1.03 0.77
CA SER A 274 23.45 -2.20 0.58
C SER A 274 24.87 -1.78 0.25
N PRO A 275 25.90 -2.46 0.82
CA PRO A 275 27.29 -2.19 0.48
C PRO A 275 27.57 -1.98 -1.01
N ARG A 276 27.03 -2.84 -1.87
CA ARG A 276 27.35 -2.76 -3.28
C ARG A 276 26.88 -1.42 -3.88
N CYS A 277 26.02 -0.68 -3.18
CA CYS A 277 25.52 0.58 -3.71
C CYS A 277 26.28 1.79 -3.17
N HIS A 278 27.19 1.57 -2.22
CA HIS A 278 27.90 2.70 -1.61
C HIS A 278 28.76 3.46 -2.61
N GLU A 279 29.60 2.72 -3.34
CA GLU A 279 30.51 3.34 -4.30
C GLU A 279 29.72 4.13 -5.35
N PRO A 280 28.73 3.56 -6.06
CA PRO A 280 28.03 4.32 -7.10
C PRO A 280 27.44 5.62 -6.57
N LEU A 281 26.88 5.59 -5.36
CA LEU A 281 26.20 6.77 -4.83
C LEU A 281 27.24 7.77 -4.35
N ARG A 282 28.23 7.29 -3.60
CA ARG A 282 29.28 8.20 -3.16
C ARG A 282 29.91 8.91 -4.35
N GLN A 283 30.22 8.14 -5.43
CA GLN A 283 30.82 8.75 -6.62
C GLN A 283 29.89 9.74 -7.29
N ALA A 284 28.59 9.45 -7.32
CA ALA A 284 27.67 10.45 -7.85
C ALA A 284 27.69 11.75 -7.02
N MET A 285 27.86 11.60 -5.70
CA MET A 285 27.84 12.77 -4.82
C MET A 285 29.14 13.57 -5.00
N ARG A 286 30.27 12.85 -5.15
CA ARG A 286 31.53 13.50 -5.45
C ARG A 286 31.47 14.24 -6.79
N GLN A 287 30.94 13.59 -7.82
CA GLN A 287 30.94 14.17 -9.14
C GLN A 287 30.11 15.46 -9.17
N THR A 288 29.05 15.52 -8.38
CA THR A 288 28.13 16.65 -8.43
C THR A 288 28.53 17.73 -7.42
N GLY A 289 29.52 17.40 -6.57
CA GLY A 289 30.07 18.41 -5.67
C GLY A 289 29.30 18.46 -4.35
N VAL A 290 28.45 17.47 -4.13
CA VAL A 290 27.70 17.37 -2.90
C VAL A 290 28.66 16.93 -1.78
N LEU A 291 29.61 16.06 -2.12
CA LEU A 291 30.72 15.68 -1.25
C LEU A 291 32.01 16.28 -1.83
N MET B 1 -6.25 -29.23 9.73
CA MET B 1 -5.26 -28.85 8.66
C MET B 1 -5.44 -27.38 8.23
N ILE B 2 -4.32 -26.66 8.19
CA ILE B 2 -4.33 -25.32 7.61
C ILE B 2 -4.04 -25.47 6.12
N ALA B 3 -5.07 -25.84 5.35
CA ALA B 3 -4.97 -26.29 3.97
C ALA B 3 -6.38 -26.39 3.41
N GLY B 4 -6.52 -26.57 2.09
CA GLY B 4 -7.84 -26.78 1.53
C GLY B 4 -8.45 -25.44 1.15
N SER B 5 -9.77 -25.40 1.11
CA SER B 5 -10.51 -24.19 0.80
C SER B 5 -10.52 -23.30 2.06
N MET B 6 -9.88 -22.13 1.92
CA MET B 6 -9.74 -21.21 3.03
C MET B 6 -10.42 -19.91 2.61
N VAL B 7 -11.56 -19.58 3.22
CA VAL B 7 -12.30 -18.46 2.66
C VAL B 7 -11.62 -17.15 3.07
N ALA B 8 -11.42 -16.27 2.09
CA ALA B 8 -11.00 -14.91 2.41
C ALA B 8 -12.23 -14.11 2.80
N LEU B 9 -12.63 -14.17 4.08
CA LEU B 9 -13.97 -13.77 4.50
C LEU B 9 -14.16 -12.27 4.43
N VAL B 10 -15.30 -11.84 3.85
CA VAL B 10 -15.63 -10.43 3.86
C VAL B 10 -15.95 -10.02 5.31
N THR B 11 -15.90 -8.70 5.59
CA THR B 11 -16.35 -8.14 6.86
C THR B 11 -17.66 -7.38 6.59
N PRO B 12 -18.80 -7.88 7.08
CA PRO B 12 -20.08 -7.21 6.79
C PRO B 12 -20.25 -5.91 7.56
N PHE B 13 -20.84 -4.92 6.89
CA PHE B 13 -21.14 -3.65 7.52
C PHE B 13 -22.59 -3.29 7.20
N ASP B 14 -23.26 -2.63 8.15
CA ASP B 14 -24.55 -2.00 7.87
C ASP B 14 -24.36 -0.80 6.94
N ALA B 15 -25.48 -0.16 6.55
CA ALA B 15 -25.45 0.92 5.58
C ALA B 15 -24.61 2.10 6.08
N GLN B 16 -24.46 2.21 7.40
CA GLN B 16 -23.71 3.31 7.99
C GLN B 16 -22.23 2.94 8.07
N GLY B 17 -21.89 1.69 7.74
CA GLY B 17 -20.50 1.28 7.78
C GLY B 17 -20.10 0.66 9.12
N ARG B 18 -21.07 0.38 9.99
CA ARG B 18 -20.71 -0.22 11.27
C ARG B 18 -20.64 -1.73 11.09
N LEU B 19 -19.84 -2.38 11.94
CA LEU B 19 -19.73 -3.84 11.92
C LEU B 19 -21.09 -4.49 12.15
N ASP B 20 -21.46 -5.45 11.29
CA ASP B 20 -22.71 -6.19 11.44
C ASP B 20 -22.41 -7.59 11.97
N TRP B 21 -22.47 -7.72 13.30
CA TRP B 21 -22.05 -8.94 13.98
C TRP B 21 -22.95 -10.13 13.66
N ASP B 22 -24.24 -9.87 13.52
CA ASP B 22 -25.20 -10.91 13.24
C ASP B 22 -24.91 -11.56 11.89
N SER B 23 -24.70 -10.71 10.88
CA SER B 23 -24.39 -11.16 9.54
C SER B 23 -23.06 -11.92 9.55
N LEU B 24 -22.12 -11.51 10.40
CA LEU B 24 -20.82 -12.17 10.41
C LEU B 24 -21.02 -13.60 10.93
N ALA B 25 -21.77 -13.73 12.03
CA ALA B 25 -22.11 -15.03 12.61
C ALA B 25 -22.77 -15.95 11.59
N LYS B 26 -23.62 -15.41 10.72
CA LYS B 26 -24.34 -16.18 9.72
C LYS B 26 -23.33 -16.69 8.70
N LEU B 27 -22.39 -15.86 8.28
CA LEU B 27 -21.32 -16.26 7.38
C LEU B 27 -20.47 -17.37 8.01
N VAL B 28 -20.15 -17.26 9.29
CA VAL B 28 -19.34 -18.29 9.91
C VAL B 28 -20.07 -19.62 9.85
N ASP B 29 -21.37 -19.61 10.19
CA ASP B 29 -22.17 -20.83 10.20
C ASP B 29 -22.29 -21.41 8.80
N PHE B 30 -22.49 -20.54 7.78
CA PHE B 30 -22.51 -20.95 6.39
C PHE B 30 -21.24 -21.74 6.05
N HIS B 31 -20.06 -21.24 6.46
CA HIS B 31 -18.79 -21.87 6.12
C HIS B 31 -18.63 -23.21 6.82
N LEU B 32 -19.00 -23.27 8.10
CA LEU B 32 -18.89 -24.49 8.88
C LEU B 32 -19.79 -25.57 8.30
N GLN B 33 -20.94 -25.14 7.77
CA GLN B 33 -21.89 -26.07 7.21
C GLN B 33 -21.41 -26.61 5.85
N GLU B 34 -20.90 -25.73 5.00
CA GLU B 34 -20.72 -26.05 3.58
C GLU B 34 -19.35 -26.67 3.29
N GLY B 35 -18.51 -26.85 4.32
CA GLY B 35 -17.30 -27.65 4.14
C GLY B 35 -16.02 -26.83 3.99
N THR B 36 -16.08 -25.52 4.24
CA THR B 36 -14.89 -24.69 4.19
C THR B 36 -13.88 -25.21 5.22
N ASN B 37 -12.59 -25.18 4.89
CA ASN B 37 -11.57 -25.84 5.71
C ASN B 37 -10.87 -24.87 6.68
N ALA B 38 -10.88 -23.56 6.35
CA ALA B 38 -10.35 -22.53 7.23
C ALA B 38 -10.94 -21.18 6.88
N ILE B 39 -11.04 -20.30 7.89
CA ILE B 39 -11.51 -18.94 7.68
C ILE B 39 -10.35 -17.96 7.84
N VAL B 40 -10.19 -17.07 6.86
CA VAL B 40 -9.24 -15.97 6.97
C VAL B 40 -10.07 -14.73 7.28
N ALA B 41 -9.92 -14.20 8.50
CA ALA B 41 -10.59 -13.00 8.99
C ALA B 41 -9.69 -11.78 8.79
N VAL B 42 -10.30 -10.67 8.34
CA VAL B 42 -9.69 -9.35 8.22
C VAL B 42 -8.46 -9.37 7.32
N GLY B 43 -8.60 -10.00 6.16
CA GLY B 43 -7.57 -9.91 5.14
C GLY B 43 -8.02 -8.85 4.13
N THR B 44 -7.43 -8.93 2.94
CA THR B 44 -7.72 -8.01 1.85
C THR B 44 -9.23 -7.99 1.57
N THR B 45 -9.85 -9.19 1.51
CA THR B 45 -11.25 -9.30 1.15
C THR B 45 -12.12 -8.82 2.31
N GLY B 46 -11.59 -8.90 3.53
CA GLY B 46 -12.24 -8.43 4.75
C GLY B 46 -12.03 -6.94 5.04
N GLU B 47 -11.56 -6.18 4.05
CA GLU B 47 -11.38 -4.73 4.18
C GLU B 47 -10.48 -4.35 5.37
N SER B 48 -9.38 -5.09 5.57
CA SER B 48 -8.44 -4.76 6.65
C SER B 48 -8.02 -3.28 6.59
N ALA B 49 -7.86 -2.74 5.37
CA ALA B 49 -7.39 -1.37 5.16
C ALA B 49 -8.31 -0.34 5.83
N THR B 50 -9.63 -0.58 5.87
CA THR B 50 -10.56 0.42 6.37
C THR B 50 -11.06 0.07 7.76
N LEU B 51 -10.47 -0.96 8.38
CA LEU B 51 -10.81 -1.31 9.75
C LEU B 51 -9.68 -0.76 10.61
N ASP B 52 -10.05 -0.20 11.77
CA ASP B 52 -8.96 0.21 12.64
C ASP B 52 -8.49 -1.01 13.42
N VAL B 53 -7.41 -0.81 14.15
CA VAL B 53 -6.77 -1.87 14.91
C VAL B 53 -7.76 -2.56 15.86
N GLU B 54 -8.63 -1.77 16.50
CA GLU B 54 -9.51 -2.32 17.53
C GLU B 54 -10.61 -3.13 16.90
N GLU B 55 -11.14 -2.60 15.79
CA GLU B 55 -12.12 -3.31 15.00
C GLU B 55 -11.56 -4.63 14.50
N GLN B 56 -10.31 -4.64 14.04
CA GLN B 56 -9.69 -5.84 13.50
C GLN B 56 -9.61 -6.96 14.54
N ILE B 57 -9.12 -6.64 15.76
CA ILE B 57 -9.02 -7.67 16.78
C ILE B 57 -10.41 -8.13 17.24
N GLN B 58 -11.41 -7.24 17.14
CA GLN B 58 -12.76 -7.59 17.47
C GLN B 58 -13.32 -8.61 16.47
N VAL B 59 -13.17 -8.33 15.17
CA VAL B 59 -13.58 -9.28 14.15
C VAL B 59 -12.92 -10.64 14.43
N ILE B 60 -11.60 -10.69 14.62
CA ILE B 60 -10.87 -11.93 14.88
C ILE B 60 -11.43 -12.64 16.12
N ARG B 61 -11.64 -11.90 17.22
CA ARG B 61 -12.13 -12.53 18.46
C ARG B 61 -13.52 -13.13 18.28
N ARG B 62 -14.43 -12.40 17.63
CA ARG B 62 -15.76 -12.91 17.39
C ARG B 62 -15.73 -14.18 16.55
N VAL B 63 -14.88 -14.23 15.50
CA VAL B 63 -14.82 -15.40 14.65
C VAL B 63 -14.18 -16.54 15.43
N VAL B 64 -13.11 -16.25 16.13
CA VAL B 64 -12.46 -17.31 16.89
C VAL B 64 -13.46 -17.94 17.86
N ASP B 65 -14.19 -17.08 18.60
CA ASP B 65 -15.09 -17.53 19.65
C ASP B 65 -16.23 -18.37 19.07
N GLN B 66 -16.81 -17.95 17.94
CA GLN B 66 -17.83 -18.76 17.29
C GLN B 66 -17.27 -20.08 16.72
N VAL B 67 -16.08 -20.07 16.15
CA VAL B 67 -15.59 -21.30 15.53
C VAL B 67 -15.25 -22.37 16.59
N LYS B 68 -14.78 -21.97 17.78
CA LYS B 68 -14.51 -22.84 18.91
C LYS B 68 -13.63 -24.02 18.48
N GLY B 69 -12.60 -23.71 17.69
CA GLY B 69 -11.59 -24.67 17.28
C GLY B 69 -12.07 -25.72 16.27
N ARG B 70 -13.23 -25.51 15.62
CA ARG B 70 -13.74 -26.53 14.70
C ARG B 70 -12.95 -26.57 13.39
N ILE B 71 -12.51 -25.41 12.89
CA ILE B 71 -11.61 -25.32 11.76
C ILE B 71 -10.62 -24.21 12.13
N PRO B 72 -9.42 -24.13 11.50
CA PRO B 72 -8.49 -23.04 11.78
C PRO B 72 -9.04 -21.66 11.39
N VAL B 73 -8.75 -20.70 12.26
CA VAL B 73 -8.99 -19.30 11.96
C VAL B 73 -7.65 -18.59 11.75
N ILE B 74 -7.51 -17.95 10.59
CA ILE B 74 -6.30 -17.24 10.23
C ILE B 74 -6.59 -15.74 10.27
N ALA B 75 -5.72 -14.97 10.92
CA ALA B 75 -5.91 -13.54 11.04
C ALA B 75 -4.97 -12.82 10.09
N GLY B 76 -5.53 -11.92 9.29
CA GLY B 76 -4.72 -10.99 8.52
C GLY B 76 -4.17 -9.92 9.47
N THR B 77 -2.82 -9.86 9.56
CA THR B 77 -2.11 -9.05 10.54
C THR B 77 -0.92 -8.37 9.86
N GLY B 78 -0.92 -8.35 8.52
CA GLY B 78 0.19 -7.74 7.80
C GLY B 78 0.10 -6.21 7.90
N ALA B 79 1.26 -5.56 7.78
CA ALA B 79 1.35 -4.10 7.69
C ALA B 79 2.68 -3.76 7.04
N ASN B 80 2.81 -2.50 6.60
CA ASN B 80 4.01 -2.05 5.94
C ASN B 80 5.03 -1.49 6.94
N SER B 81 4.69 -1.51 8.25
CA SER B 81 5.65 -1.23 9.31
C SER B 81 5.92 -2.54 10.07
N THR B 82 7.18 -2.89 10.30
CA THR B 82 7.45 -4.11 11.06
C THR B 82 6.91 -4.01 12.49
N ARG B 83 7.09 -2.84 13.15
CA ARG B 83 6.55 -2.64 14.49
C ARG B 83 5.03 -2.90 14.52
N GLU B 84 4.31 -2.34 13.53
CA GLU B 84 2.86 -2.46 13.44
C GLU B 84 2.47 -3.92 13.23
N ALA B 85 3.15 -4.61 12.32
CA ALA B 85 2.92 -6.03 12.02
C ALA B 85 3.10 -6.88 13.28
N VAL B 86 4.12 -6.58 14.08
CA VAL B 86 4.32 -7.31 15.34
C VAL B 86 3.12 -7.07 16.25
N ALA B 87 2.58 -5.84 16.26
CA ALA B 87 1.52 -5.48 17.21
C ALA B 87 0.25 -6.24 16.84
N LEU B 88 -0.06 -6.31 15.54
CA LEU B 88 -1.27 -6.95 15.04
C LEU B 88 -1.20 -8.45 15.27
N THR B 89 -0.02 -9.02 15.05
CA THR B 89 0.18 -10.46 15.13
C THR B 89 0.07 -10.90 16.59
N GLU B 90 0.63 -10.10 17.48
CA GLU B 90 0.51 -10.34 18.91
C GLU B 90 -0.94 -10.30 19.39
N ALA B 91 -1.67 -9.27 18.98
CA ALA B 91 -3.09 -9.18 19.28
C ALA B 91 -3.80 -10.45 18.82
N ALA B 92 -3.53 -10.89 17.57
CA ALA B 92 -4.23 -12.00 16.97
C ALA B 92 -3.93 -13.28 17.75
N LYS B 93 -2.67 -13.48 18.13
CA LYS B 93 -2.32 -14.62 18.96
C LYS B 93 -3.11 -14.60 20.27
N SER B 94 -3.15 -13.46 20.99
CA SER B 94 -3.87 -13.43 22.26
CA SER B 94 -3.87 -13.38 22.26
C SER B 94 -5.35 -13.67 22.03
N GLY B 95 -5.85 -13.30 20.84
CA GLY B 95 -7.27 -13.41 20.51
C GLY B 95 -7.64 -14.83 20.05
N GLY B 96 -6.65 -15.72 20.03
CA GLY B 96 -6.86 -17.15 19.83
C GLY B 96 -6.84 -17.57 18.36
N ALA B 97 -6.34 -16.74 17.44
CA ALA B 97 -6.21 -17.18 16.06
C ALA B 97 -5.21 -18.34 15.97
N ASP B 98 -5.38 -19.21 14.97
CA ASP B 98 -4.52 -20.38 14.81
C ASP B 98 -3.24 -20.03 14.04
N ALA B 99 -3.30 -18.97 13.24
CA ALA B 99 -2.19 -18.59 12.38
C ALA B 99 -2.48 -17.17 11.90
N CYS B 100 -1.42 -16.50 11.43
CA CYS B 100 -1.61 -15.16 10.85
C CYS B 100 -1.14 -15.14 9.42
N LEU B 101 -1.81 -14.30 8.62
CA LEU B 101 -1.45 -14.10 7.24
C LEU B 101 -0.90 -12.68 7.08
N LEU B 102 0.34 -12.56 6.58
CA LEU B 102 1.06 -11.28 6.57
C LEU B 102 1.47 -10.88 5.15
N VAL B 103 0.77 -9.87 4.63
CA VAL B 103 1.09 -9.34 3.31
C VAL B 103 2.50 -8.71 3.33
N THR B 104 3.18 -8.77 2.18
CA THR B 104 4.43 -8.08 2.00
C THR B 104 4.17 -6.58 2.11
N PRO B 105 5.02 -5.80 2.82
CA PRO B 105 4.79 -4.37 2.97
C PRO B 105 4.42 -3.71 1.63
N TYR B 106 3.28 -3.01 1.62
CA TYR B 106 2.78 -2.31 0.45
C TYR B 106 3.30 -0.87 0.50
N TYR B 107 3.43 -0.23 -0.67
CA TYR B 107 3.70 1.20 -0.79
C TYR B 107 5.19 1.57 -0.63
N ASN B 108 5.87 1.04 0.40
CA ASN B 108 7.21 1.48 0.75
C ASN B 108 8.32 0.71 0.04
N LYS B 109 7.98 -0.39 -0.65
CA LYS B 109 8.84 -1.06 -1.62
C LYS B 109 10.16 -1.49 -0.97
N PRO B 110 10.15 -2.25 0.14
CA PRO B 110 11.39 -2.75 0.76
C PRO B 110 12.19 -3.58 -0.24
N THR B 111 13.50 -3.66 -0.03
CA THR B 111 14.36 -4.56 -0.78
C THR B 111 14.02 -6.01 -0.40
N GLN B 112 14.52 -6.98 -1.18
CA GLN B 112 14.41 -8.39 -0.86
C GLN B 112 14.96 -8.70 0.53
N GLU B 113 16.11 -8.11 0.88
CA GLU B 113 16.72 -8.26 2.20
C GLU B 113 15.82 -7.63 3.29
N GLY B 114 15.17 -6.50 2.96
CA GLY B 114 14.27 -5.85 3.90
C GLY B 114 13.05 -6.73 4.21
N MET B 115 12.52 -7.39 3.18
CA MET B 115 11.40 -8.30 3.36
C MET B 115 11.87 -9.45 4.24
N TYR B 116 13.05 -10.02 3.96
CA TYR B 116 13.57 -11.09 4.80
C TYR B 116 13.60 -10.63 6.27
N GLN B 117 14.07 -9.40 6.52
CA GLN B 117 14.35 -8.94 7.87
C GLN B 117 13.04 -8.76 8.62
N HIS B 118 12.05 -8.19 7.92
CA HIS B 118 10.70 -7.97 8.38
C HIS B 118 10.06 -9.29 8.84
N PHE B 119 9.98 -10.23 7.91
CA PHE B 119 9.27 -11.48 8.19
C PHE B 119 10.01 -12.30 9.24
N ARG B 120 11.33 -12.27 9.20
CA ARG B 120 12.11 -13.02 10.18
C ARG B 120 11.92 -12.39 11.57
N HIS B 121 11.87 -11.07 11.67
CA HIS B 121 11.64 -10.42 12.96
C HIS B 121 10.29 -10.84 13.56
N ILE B 122 9.22 -10.67 12.76
CA ILE B 122 7.89 -11.03 13.24
C ILE B 122 7.83 -12.51 13.64
N ALA B 123 8.49 -13.37 12.86
CA ALA B 123 8.49 -14.81 13.13
C ALA B 123 9.12 -15.15 14.47
N GLU B 124 10.18 -14.41 14.86
CA GLU B 124 10.88 -14.62 16.13
C GLU B 124 10.18 -13.86 17.26
N ALA B 125 9.52 -12.73 16.97
CA ALA B 125 8.85 -11.90 17.95
C ALA B 125 7.55 -12.53 18.52
N VAL B 126 6.78 -13.30 17.72
CA VAL B 126 5.45 -13.77 18.09
C VAL B 126 5.33 -15.26 17.77
N ALA B 127 5.09 -16.07 18.80
CA ALA B 127 5.03 -17.52 18.65
C ALA B 127 3.63 -17.96 18.21
N ILE B 128 3.32 -17.65 16.95
CA ILE B 128 2.11 -18.10 16.29
C ILE B 128 2.52 -18.41 14.85
N PRO B 129 2.04 -19.51 14.21
CA PRO B 129 2.40 -19.80 12.82
C PRO B 129 2.05 -18.62 11.92
N GLN B 130 2.94 -18.32 10.96
CA GLN B 130 2.74 -17.19 10.07
C GLN B 130 2.82 -17.64 8.61
N ILE B 131 2.02 -17.00 7.77
CA ILE B 131 1.90 -17.33 6.36
C ILE B 131 2.22 -16.05 5.58
N LEU B 132 3.17 -16.16 4.65
CA LEU B 132 3.53 -15.02 3.82
C LEU B 132 2.43 -14.76 2.80
N TYR B 133 2.43 -13.57 2.20
CA TYR B 133 1.40 -13.25 1.24
C TYR B 133 2.00 -12.30 0.21
N ASN B 134 2.15 -12.81 -1.03
CA ASN B 134 2.75 -12.06 -2.12
C ASN B 134 1.63 -11.66 -3.08
N VAL B 135 1.43 -10.35 -3.27
CA VAL B 135 0.40 -9.84 -4.16
C VAL B 135 0.90 -8.55 -4.80
N PRO B 136 1.88 -8.67 -5.73
CA PRO B 136 2.52 -7.50 -6.34
C PRO B 136 1.52 -6.55 -6.97
N GLY B 137 0.40 -7.08 -7.42
CA GLY B 137 -0.58 -6.23 -8.10
C GLY B 137 -1.24 -5.25 -7.15
N ARG B 138 -1.01 -5.44 -5.84
CA ARG B 138 -1.57 -4.57 -4.81
C ARG B 138 -0.50 -3.86 -3.99
N THR B 139 0.65 -4.54 -3.75
CA THR B 139 1.65 -4.03 -2.84
C THR B 139 2.66 -3.14 -3.57
N SER B 140 2.77 -3.33 -4.90
CA SER B 140 3.79 -2.72 -5.74
C SER B 140 5.18 -3.27 -5.41
N CYS B 141 5.26 -4.48 -4.88
CA CYS B 141 6.58 -5.12 -4.71
C CYS B 141 6.42 -6.62 -4.76
N ASP B 142 7.46 -7.32 -5.22
CA ASP B 142 7.32 -8.75 -5.53
C ASP B 142 8.35 -9.47 -4.67
N MET B 143 7.91 -10.39 -3.82
CA MET B 143 8.84 -11.22 -3.07
C MET B 143 9.25 -12.38 -3.97
N LEU B 144 10.51 -12.39 -4.41
CA LEU B 144 10.98 -13.37 -5.39
C LEU B 144 11.15 -14.74 -4.74
N PRO B 145 11.17 -15.80 -5.57
CA PRO B 145 11.31 -17.16 -5.05
C PRO B 145 12.49 -17.39 -4.12
N GLU B 146 13.64 -16.76 -4.40
CA GLU B 146 14.79 -16.98 -3.51
C GLU B 146 14.52 -16.40 -2.13
N THR B 147 13.73 -15.30 -2.05
CA THR B 147 13.44 -14.70 -0.76
C THR B 147 12.44 -15.58 0.00
N VAL B 148 11.46 -16.10 -0.72
CA VAL B 148 10.50 -17.07 -0.20
C VAL B 148 11.27 -18.28 0.34
N GLU B 149 12.21 -18.75 -0.46
CA GLU B 149 13.05 -19.89 -0.06
C GLU B 149 13.76 -19.61 1.26
N ARG B 150 14.37 -18.42 1.42
CA ARG B 150 15.12 -18.12 2.63
C ARG B 150 14.17 -18.07 3.83
N LEU B 151 12.99 -17.46 3.62
CA LEU B 151 11.99 -17.35 4.68
C LEU B 151 11.38 -18.70 5.03
N SER B 152 11.32 -19.62 4.05
CA SER B 152 10.79 -20.96 4.35
C SER B 152 11.68 -21.72 5.34
N LYS B 153 12.86 -21.19 5.66
CA LYS B 153 13.76 -21.94 6.52
C LYS B 153 13.66 -21.37 7.94
N VAL B 154 12.80 -20.36 8.10
CA VAL B 154 12.65 -19.68 9.37
C VAL B 154 11.58 -20.42 10.17
N PRO B 155 11.88 -20.87 11.41
CA PRO B 155 10.88 -21.57 12.22
C PRO B 155 9.71 -20.61 12.36
N ASN B 156 8.48 -21.16 12.25
CA ASN B 156 7.25 -20.43 12.52
C ASN B 156 6.67 -19.79 11.26
N ILE B 157 7.42 -19.78 10.17
CA ILE B 157 6.83 -19.39 8.88
C ILE B 157 6.47 -20.68 8.16
N ILE B 158 5.16 -20.91 7.97
CA ILE B 158 4.63 -22.23 7.62
C ILE B 158 4.13 -22.28 6.18
N GLY B 159 3.98 -21.13 5.51
CA GLY B 159 3.47 -21.23 4.15
C GLY B 159 3.47 -19.88 3.45
N ILE B 160 2.93 -19.85 2.23
CA ILE B 160 2.83 -18.60 1.47
C ILE B 160 1.55 -18.61 0.65
N LYS B 161 0.83 -17.48 0.68
CA LYS B 161 -0.24 -17.20 -0.27
C LYS B 161 0.38 -16.53 -1.49
N GLU B 162 0.33 -17.23 -2.62
CA GLU B 162 0.93 -16.74 -3.84
C GLU B 162 -0.17 -16.23 -4.75
N ALA B 163 -0.29 -14.90 -4.87
CA ALA B 163 -1.50 -14.39 -5.48
C ALA B 163 -1.27 -13.80 -6.87
N THR B 164 -0.12 -14.08 -7.49
CA THR B 164 0.20 -13.53 -8.81
C THR B 164 -0.63 -14.17 -9.92
N GLY B 165 -1.09 -15.41 -9.73
CA GLY B 165 -1.76 -16.18 -10.77
C GLY B 165 -0.78 -16.57 -11.88
N ASP B 166 0.52 -16.53 -11.56
CA ASP B 166 1.57 -16.94 -12.46
C ASP B 166 1.97 -18.36 -12.05
N LEU B 167 1.64 -19.33 -12.89
CA LEU B 167 1.83 -20.73 -12.54
C LEU B 167 3.29 -21.15 -12.68
N GLN B 168 4.10 -20.45 -13.49
CA GLN B 168 5.54 -20.73 -13.50
C GLN B 168 6.15 -20.32 -12.16
N ARG B 169 5.70 -19.18 -11.64
CA ARG B 169 6.15 -18.70 -10.34
C ARG B 169 5.79 -19.71 -9.26
N ALA B 170 4.52 -20.16 -9.28
CA ALA B 170 4.03 -21.14 -8.32
C ALA B 170 4.94 -22.37 -8.30
N LYS B 171 5.22 -22.92 -9.51
CA LYS B 171 6.02 -24.13 -9.70
C LYS B 171 7.41 -23.94 -9.10
N GLU B 172 7.99 -22.79 -9.42
CA GLU B 172 9.32 -22.46 -8.91
C GLU B 172 9.31 -22.34 -7.40
N VAL B 173 8.26 -21.71 -6.83
CA VAL B 173 8.22 -21.65 -5.38
C VAL B 173 8.12 -23.04 -4.78
N ILE B 174 7.21 -23.86 -5.34
CA ILE B 174 6.96 -25.19 -4.77
C ILE B 174 8.26 -26.00 -4.76
N GLU B 175 9.02 -25.93 -5.86
CA GLU B 175 10.25 -26.69 -6.03
C GLU B 175 11.30 -26.26 -5.01
N ARG B 176 11.33 -24.96 -4.70
CA ARG B 176 12.35 -24.43 -3.81
C ARG B 176 12.00 -24.63 -2.34
N VAL B 177 10.76 -24.72 -1.94
CA VAL B 177 10.51 -24.77 -0.49
C VAL B 177 10.30 -26.24 -0.06
N GLY B 178 10.38 -26.50 1.24
CA GLY B 178 10.16 -27.83 1.81
C GLY B 178 8.69 -28.25 1.73
N LYS B 179 8.47 -29.57 1.76
CA LYS B 179 7.15 -30.15 1.63
C LYS B 179 6.27 -29.68 2.78
N ASP B 180 6.87 -29.30 3.92
CA ASP B 180 6.10 -28.85 5.06
C ASP B 180 5.67 -27.40 4.88
N PHE B 181 6.23 -26.77 3.86
CA PHE B 181 5.99 -25.36 3.69
C PHE B 181 4.92 -25.21 2.62
N LEU B 182 3.73 -24.82 3.04
CA LEU B 182 2.58 -24.99 2.18
C LEU B 182 2.39 -23.75 1.30
N VAL B 183 2.15 -24.00 0.01
CA VAL B 183 1.92 -22.94 -0.95
C VAL B 183 0.42 -22.90 -1.23
N TYR B 184 -0.17 -21.73 -1.07
CA TYR B 184 -1.61 -21.61 -1.24
C TYR B 184 -1.84 -20.68 -2.41
N SER B 185 -2.96 -20.85 -3.11
CA SER B 185 -3.26 -19.90 -4.18
C SER B 185 -3.95 -18.68 -3.58
N GLY B 186 -3.69 -17.53 -4.19
CA GLY B 186 -4.52 -16.37 -3.98
C GLY B 186 -5.13 -15.87 -5.29
N ASP B 187 -5.20 -16.74 -6.31
CA ASP B 187 -5.88 -16.42 -7.55
C ASP B 187 -6.88 -17.52 -7.90
N ASP B 188 -8.19 -17.20 -7.78
CA ASP B 188 -9.25 -18.20 -7.89
C ASP B 188 -9.18 -18.95 -9.23
N ALA B 189 -9.03 -18.21 -10.34
CA ALA B 189 -9.02 -18.78 -11.68
C ALA B 189 -7.98 -19.89 -11.86
N THR B 190 -6.81 -19.77 -11.24
CA THR B 190 -5.70 -20.68 -11.52
C THR B 190 -5.40 -21.57 -10.32
N ALA B 191 -6.16 -21.42 -9.23
CA ALA B 191 -5.87 -22.13 -7.99
C ALA B 191 -5.80 -23.64 -8.21
N VAL B 192 -6.75 -24.18 -8.98
CA VAL B 192 -6.77 -25.61 -9.29
C VAL B 192 -5.42 -26.10 -9.83
N GLU B 193 -4.85 -25.34 -10.77
CA GLU B 193 -3.57 -25.72 -11.35
C GLU B 193 -2.47 -25.64 -10.31
N LEU B 194 -2.56 -24.63 -9.43
CA LEU B 194 -1.52 -24.46 -8.42
C LEU B 194 -1.55 -25.67 -7.49
N MET B 195 -2.76 -26.16 -7.20
CA MET B 195 -2.83 -27.29 -6.29
C MET B 195 -2.37 -28.56 -7.00
N LEU B 196 -2.65 -28.68 -8.30
CA LEU B 196 -2.20 -29.84 -9.05
C LEU B 196 -0.68 -29.86 -9.18
N LEU B 197 -0.01 -28.70 -9.03
CA LEU B 197 1.45 -28.62 -9.01
C LEU B 197 2.04 -29.02 -7.66
N GLY B 198 1.20 -29.08 -6.63
CA GLY B 198 1.72 -29.48 -5.32
C GLY B 198 1.31 -28.46 -4.26
N GLY B 199 0.61 -27.39 -4.66
CA GLY B 199 0.06 -26.48 -3.66
C GLY B 199 -0.99 -27.15 -2.76
N LYS B 200 -1.24 -26.59 -1.57
CA LYS B 200 -2.10 -27.25 -0.58
C LYS B 200 -3.28 -26.38 -0.13
N GLY B 201 -3.68 -25.38 -0.92
CA GLY B 201 -4.97 -24.78 -0.65
C GLY B 201 -5.18 -23.52 -1.47
N ASN B 202 -6.30 -22.89 -1.22
CA ASN B 202 -6.72 -21.73 -1.97
C ASN B 202 -7.37 -20.75 -0.98
N ILE B 203 -6.79 -19.55 -0.85
CA ILE B 203 -7.37 -18.54 0.00
C ILE B 203 -8.23 -17.69 -0.92
N SER B 204 -9.53 -18.00 -0.86
CA SER B 204 -10.47 -17.84 -1.96
C SER B 204 -11.47 -16.71 -1.73
N VAL B 205 -11.65 -15.88 -2.77
CA VAL B 205 -12.78 -14.96 -2.80
C VAL B 205 -14.05 -15.73 -3.16
N THR B 206 -13.98 -16.59 -4.20
CA THR B 206 -15.17 -17.31 -4.68
C THR B 206 -15.81 -18.14 -3.56
N ALA B 207 -15.00 -18.69 -2.65
CA ALA B 207 -15.49 -19.52 -1.55
C ALA B 207 -16.50 -18.74 -0.67
N ASN B 208 -16.48 -17.42 -0.75
CA ASN B 208 -17.45 -16.62 -0.02
C ASN B 208 -18.86 -16.96 -0.45
N VAL B 209 -19.06 -17.22 -1.75
CA VAL B 209 -20.39 -17.38 -2.32
C VAL B 209 -20.67 -18.84 -2.74
N ALA B 210 -19.62 -19.62 -3.05
CA ALA B 210 -19.78 -21.02 -3.42
C ALA B 210 -18.90 -21.89 -2.51
N PRO B 211 -19.05 -21.88 -1.17
CA PRO B 211 -18.13 -22.66 -0.34
C PRO B 211 -18.08 -24.16 -0.59
N ARG B 212 -19.24 -24.77 -0.91
CA ARG B 212 -19.28 -26.22 -1.15
C ARG B 212 -18.46 -26.57 -2.39
N ALA B 213 -18.71 -25.86 -3.50
CA ALA B 213 -18.02 -26.18 -4.75
C ALA B 213 -16.51 -25.96 -4.56
N MET B 214 -16.15 -24.86 -3.89
CA MET B 214 -14.73 -24.57 -3.65
C MET B 214 -14.08 -25.61 -2.73
N SER B 215 -14.81 -26.08 -1.73
N SER B 215 -14.82 -26.04 -1.71
CA SER B 215 -14.25 -27.11 -0.86
CA SER B 215 -14.32 -27.11 -0.85
C SER B 215 -14.10 -28.44 -1.61
C SER B 215 -14.05 -28.36 -1.68
N ASP B 216 -14.98 -28.68 -2.57
CA ASP B 216 -14.91 -29.86 -3.45
C ASP B 216 -13.75 -29.74 -4.44
N LEU B 217 -13.63 -28.57 -5.07
CA LEU B 217 -12.53 -28.23 -5.96
C LEU B 217 -11.16 -28.50 -5.32
N CYS B 218 -10.94 -27.99 -4.09
CA CYS B 218 -9.67 -28.10 -3.40
C CYS B 218 -9.42 -29.56 -3.01
N ALA B 219 -10.45 -30.25 -2.53
CA ALA B 219 -10.24 -31.63 -2.10
C ALA B 219 -9.80 -32.49 -3.30
N ALA B 220 -10.46 -32.30 -4.45
CA ALA B 220 -10.18 -33.03 -5.67
C ALA B 220 -8.76 -32.73 -6.16
N ALA B 221 -8.42 -31.42 -6.27
CA ALA B 221 -7.12 -30.98 -6.76
C ALA B 221 -6.00 -31.52 -5.87
N MET B 222 -6.24 -31.55 -4.55
CA MET B 222 -5.19 -31.91 -3.62
C MET B 222 -4.97 -33.43 -3.54
N ARG B 223 -5.91 -34.24 -4.05
CA ARG B 223 -5.68 -35.68 -4.15
C ARG B 223 -5.35 -36.10 -5.59
N GLY B 224 -5.16 -35.13 -6.49
CA GLY B 224 -4.65 -35.40 -7.83
C GLY B 224 -5.73 -35.83 -8.83
N ASP B 225 -7.02 -35.61 -8.50
CA ASP B 225 -8.09 -35.84 -9.45
C ASP B 225 -8.29 -34.59 -10.31
N ALA B 226 -7.33 -34.43 -11.22
CA ALA B 226 -7.26 -33.30 -12.12
C ALA B 226 -8.57 -33.09 -12.85
N ALA B 227 -9.14 -34.15 -13.46
CA ALA B 227 -10.29 -33.95 -14.33
C ALA B 227 -11.52 -33.48 -13.54
N ALA B 228 -11.69 -34.06 -12.35
CA ALA B 228 -12.80 -33.65 -11.50
C ALA B 228 -12.61 -32.20 -11.03
N ALA B 229 -11.39 -31.86 -10.59
CA ALA B 229 -11.09 -30.51 -10.11
C ALA B 229 -11.30 -29.50 -11.24
N ARG B 230 -10.87 -29.86 -12.46
CA ARG B 230 -10.95 -28.97 -13.58
C ARG B 230 -12.39 -28.78 -14.00
N ALA B 231 -13.21 -29.82 -13.84
CA ALA B 231 -14.63 -29.74 -14.22
C ALA B 231 -15.37 -28.75 -13.33
N ILE B 232 -15.11 -28.80 -12.01
CA ILE B 232 -15.68 -27.82 -11.09
C ILE B 232 -15.16 -26.43 -11.43
N ASN B 233 -13.83 -26.31 -11.59
CA ASN B 233 -13.27 -25.02 -11.89
C ASN B 233 -13.83 -24.43 -13.21
N ASP B 234 -13.90 -25.24 -14.28
CA ASP B 234 -14.41 -24.73 -15.56
C ASP B 234 -15.85 -24.23 -15.39
N ARG B 235 -16.61 -24.90 -14.52
CA ARG B 235 -18.02 -24.55 -14.30
C ARG B 235 -18.08 -23.20 -13.61
N LEU B 236 -17.15 -22.98 -12.65
CA LEU B 236 -17.14 -21.78 -11.80
C LEU B 236 -16.53 -20.58 -12.51
N MET B 237 -15.90 -20.80 -13.67
CA MET B 237 -15.05 -19.78 -14.27
C MET B 237 -15.79 -18.45 -14.51
N PRO B 238 -17.04 -18.44 -15.01
CA PRO B 238 -17.73 -17.16 -15.22
C PRO B 238 -17.88 -16.40 -13.90
N LEU B 239 -17.97 -17.13 -12.78
CA LEU B 239 -18.13 -16.53 -11.46
C LEU B 239 -16.79 -16.00 -10.96
N HIS B 240 -15.72 -16.80 -11.09
CA HIS B 240 -14.38 -16.32 -10.82
C HIS B 240 -14.13 -14.99 -11.54
N LYS B 241 -14.49 -14.89 -12.83
CA LYS B 241 -14.20 -13.65 -13.54
C LYS B 241 -15.04 -12.47 -13.02
N ALA B 242 -16.33 -12.72 -12.81
CA ALA B 242 -17.24 -11.64 -12.49
C ALA B 242 -16.97 -11.10 -11.07
N LEU B 243 -16.32 -11.91 -10.21
CA LEU B 243 -16.03 -11.44 -8.87
C LEU B 243 -14.89 -10.42 -8.86
N PHE B 244 -14.29 -10.17 -10.03
CA PHE B 244 -13.17 -9.24 -10.18
C PHE B 244 -13.54 -8.19 -11.22
N ILE B 245 -14.82 -8.03 -11.50
CA ILE B 245 -15.22 -7.05 -12.51
C ILE B 245 -14.95 -5.62 -12.02
N GLU B 246 -14.97 -5.40 -10.70
CA GLU B 246 -14.37 -4.24 -10.09
C GLU B 246 -13.48 -4.79 -8.98
N SER B 247 -12.68 -3.92 -8.35
CA SER B 247 -11.69 -4.41 -7.38
C SER B 247 -12.37 -5.17 -6.26
N ASN B 248 -11.87 -6.37 -5.97
CA ASN B 248 -12.27 -7.15 -4.84
C ASN B 248 -12.00 -6.34 -3.57
N PRO B 249 -12.86 -6.32 -2.51
CA PRO B 249 -14.11 -7.10 -2.47
C PRO B 249 -15.41 -6.45 -2.92
N ILE B 250 -15.34 -5.43 -3.81
CA ILE B 250 -16.57 -4.78 -4.22
C ILE B 250 -17.56 -5.78 -4.80
N PRO B 251 -17.23 -6.61 -5.84
CA PRO B 251 -18.22 -7.55 -6.36
C PRO B 251 -18.71 -8.61 -5.38
N VAL B 252 -17.80 -9.20 -4.61
CA VAL B 252 -18.24 -10.28 -3.73
C VAL B 252 -19.23 -9.75 -2.69
N LYS B 253 -19.04 -8.52 -2.22
CA LYS B 253 -19.96 -7.96 -1.23
C LYS B 253 -21.34 -7.81 -1.86
N TRP B 254 -21.39 -7.37 -3.13
CA TRP B 254 -22.66 -7.23 -3.84
C TRP B 254 -23.33 -8.59 -3.98
N ALA B 255 -22.53 -9.59 -4.31
CA ALA B 255 -23.01 -10.95 -4.47
C ALA B 255 -23.57 -11.44 -3.13
N LEU B 256 -22.83 -11.26 -2.04
CA LEU B 256 -23.34 -11.75 -0.77
C LEU B 256 -24.63 -11.02 -0.37
N HIS B 257 -24.74 -9.75 -0.74
CA HIS B 257 -25.93 -9.01 -0.36
C HIS B 257 -27.14 -9.51 -1.14
N GLU B 258 -26.95 -9.74 -2.45
CA GLU B 258 -27.95 -10.31 -3.34
C GLU B 258 -28.40 -11.68 -2.84
N MET B 259 -27.50 -12.46 -2.26
CA MET B 259 -27.87 -13.76 -1.72
C MET B 259 -28.59 -13.65 -0.37
N GLY B 260 -28.68 -12.44 0.20
CA GLY B 260 -29.37 -12.23 1.47
C GLY B 260 -28.47 -12.48 2.68
N LEU B 261 -27.14 -12.50 2.50
CA LEU B 261 -26.24 -12.89 3.59
C LEU B 261 -25.63 -11.70 4.33
N ILE B 262 -25.52 -10.52 3.70
CA ILE B 262 -24.88 -9.39 4.38
C ILE B 262 -25.61 -8.10 3.98
N PRO B 263 -25.50 -7.00 4.76
CA PRO B 263 -26.09 -5.71 4.39
C PRO B 263 -25.22 -5.03 3.35
N GLU B 264 -25.68 -3.87 2.89
CA GLU B 264 -25.10 -3.17 1.75
C GLU B 264 -23.91 -2.24 2.13
N GLY B 265 -23.31 -2.40 3.31
CA GLY B 265 -22.25 -1.47 3.71
C GLY B 265 -20.87 -1.84 3.13
N ILE B 266 -20.14 -0.80 2.67
CA ILE B 266 -18.73 -0.92 2.28
C ILE B 266 -18.04 0.41 2.59
N ARG B 267 -16.78 0.37 3.09
CA ARG B 267 -16.14 1.58 3.58
C ARG B 267 -15.31 2.27 2.50
N LEU B 268 -15.43 3.61 2.41
CA LEU B 268 -14.60 4.43 1.54
C LEU B 268 -13.12 4.18 1.88
N PRO B 269 -12.24 4.08 0.88
CA PRO B 269 -12.54 4.50 -0.50
C PRO B 269 -13.17 3.50 -1.48
N LEU B 270 -13.50 2.29 -0.98
CA LEU B 270 -14.33 1.36 -1.71
C LEU B 270 -15.75 1.93 -1.82
N THR B 271 -16.39 1.61 -2.96
CA THR B 271 -17.75 2.02 -3.29
C THR B 271 -18.55 0.76 -3.61
N TRP B 272 -19.87 0.86 -3.46
CA TRP B 272 -20.79 -0.21 -3.83
C TRP B 272 -20.73 -0.46 -5.34
N LEU B 273 -20.78 -1.74 -5.75
CA LEU B 273 -20.63 -2.15 -7.14
C LEU B 273 -21.48 -1.29 -8.06
N SER B 274 -20.86 -0.82 -9.14
CA SER B 274 -21.46 0.05 -10.14
C SER B 274 -22.68 -0.60 -10.79
N PRO B 275 -23.77 0.15 -11.02
CA PRO B 275 -24.94 -0.40 -11.72
C PRO B 275 -24.62 -1.19 -13.00
N ARG B 276 -23.65 -0.73 -13.79
CA ARG B 276 -23.35 -1.41 -15.05
C ARG B 276 -22.85 -2.85 -14.82
N CYS B 277 -22.44 -3.17 -13.58
CA CYS B 277 -21.82 -4.47 -13.30
C CYS B 277 -22.80 -5.48 -12.71
N HIS B 278 -24.01 -5.03 -12.36
CA HIS B 278 -24.98 -5.85 -11.65
C HIS B 278 -25.39 -7.07 -12.47
N GLU B 279 -25.73 -6.82 -13.72
CA GLU B 279 -26.16 -7.89 -14.60
C GLU B 279 -25.09 -8.95 -14.83
N PRO B 280 -23.91 -8.62 -15.39
CA PRO B 280 -22.86 -9.61 -15.58
C PRO B 280 -22.70 -10.47 -14.33
N LEU B 281 -22.63 -9.83 -13.15
CA LEU B 281 -22.40 -10.59 -11.93
C LEU B 281 -23.62 -11.47 -11.61
N ARG B 282 -24.82 -10.88 -11.69
CA ARG B 282 -26.01 -11.61 -11.34
C ARG B 282 -26.12 -12.85 -12.21
N GLN B 283 -25.87 -12.71 -13.52
CA GLN B 283 -26.08 -13.92 -14.28
C GLN B 283 -24.93 -14.91 -14.19
N ALA B 284 -23.73 -14.46 -13.85
CA ALA B 284 -22.75 -15.47 -13.49
C ALA B 284 -23.21 -16.23 -12.24
N MET B 285 -23.89 -15.54 -11.32
CA MET B 285 -24.33 -16.23 -10.11
C MET B 285 -25.48 -17.20 -10.40
N ARG B 286 -26.42 -16.78 -11.27
CA ARG B 286 -27.49 -17.67 -11.69
C ARG B 286 -26.89 -18.87 -12.43
N GLN B 287 -25.96 -18.60 -13.33
CA GLN B 287 -25.42 -19.66 -14.16
C GLN B 287 -24.74 -20.73 -13.30
N THR B 288 -24.06 -20.31 -12.23
CA THR B 288 -23.33 -21.27 -11.40
C THR B 288 -24.21 -21.86 -10.29
N GLY B 289 -25.45 -21.41 -10.22
CA GLY B 289 -26.39 -21.95 -9.25
C GLY B 289 -26.18 -21.40 -7.83
N VAL B 290 -25.47 -20.27 -7.69
CA VAL B 290 -25.40 -19.71 -6.34
C VAL B 290 -26.63 -18.86 -6.07
N LEU B 291 -27.27 -18.39 -7.14
CA LEU B 291 -28.47 -17.59 -6.95
C LEU B 291 -29.60 -18.22 -7.75
C1 GOL C . 14.06 -1.30 13.85
O1 GOL C . 13.45 -0.72 12.69
C2 GOL C . 15.42 -1.93 13.54
O2 GOL C . 16.52 -1.16 14.02
C3 GOL C . 15.59 -3.36 14.02
O3 GOL C . 16.62 -3.98 13.25
CL CL D . -9.23 -7.08 -7.66
CL CL E . 12.09 4.43 -5.43
C1 GOL F . -18.32 5.71 4.81
O1 GOL F . -17.46 4.60 4.52
C2 GOL F . -19.42 5.85 3.75
O2 GOL F . -20.59 5.13 4.18
C3 GOL F . -19.78 7.27 3.37
O3 GOL F . -20.23 7.33 2.01
#